data_8QHF
#
_entry.id   8QHF
#
_cell.length_a   168.120
_cell.length_b   168.120
_cell.length_c   168.120
_cell.angle_alpha   90.00
_cell.angle_beta   90.00
_cell.angle_gamma   90.00
#
_symmetry.space_group_name_H-M   'F 2 3'
#
loop_
_entity.id
_entity.type
_entity.pdbx_description
1 polymer Cmt1
2 branched alpha-D-glucopyranose-(1-1)-alpha-D-glucopyranose
3 non-polymer (2~{S},3~{R})-2-pentyloctane-1,3-diol
4 non-polymer 'SULFATE ION'
5 non-polymer 'CHLORIDE ION'
6 water water
#
_entity_poly.entity_id   1
_entity_poly.type   'polypeptide(L)'
_entity_poly.pdbx_seq_one_letter_code
;MKLLRRIAAPAIALGIAMSTIVTPSTAGAAEVTPADVAGDTALSTISDSAPADEASAPRWRAHVNAADERVKEMWAYSPS
MDRNVPLVVITADESAGPRPVIYLLNGGDGGEGAANWVMQTDVLDFYLEKNVNVVIPMEGKFSYYTDWVEENASLGGKQM
WETFLVKELPGPLEEKLNTDGQRAIAGMSMSATTSLLFPQHFPGFYDAAASFSGCAATSSLLPWEYLKLTLDRGNATPEQ
MWGPRGGEYNIYNDALINSDKLRGTELYVSNASGLAGEWESVDSPRFEGLNQQVQSIAMAETVVTGGIIEAATNKCTHDL
KAKLDSAGIPADWNLRPTGTHSWGWWQDDLRGSWTTFARAFELEA
;
_entity_poly.pdbx_strand_id   A
#
loop_
_chem_comp.id
_chem_comp.type
_chem_comp.name
_chem_comp.formula
CL non-polymer 'CHLORIDE ION' 'Cl -1'
GLC D-saccharide, alpha linking alpha-D-glucopyranose 'C6 H12 O6'
SO4 non-polymer 'SULFATE ION' 'O4 S -2'
VBL non-polymer (2~{S},3~{R})-2-pentyloctane-1,3-diol 'C13 H28 O2'
#
# COMPACT_ATOMS: atom_id res chain seq x y z
N ALA A 30 -13.96 5.15 12.51
CA ALA A 30 -13.38 6.48 12.47
C ALA A 30 -14.46 7.53 12.54
N GLU A 31 -14.11 8.69 13.09
CA GLU A 31 -15.02 9.82 13.24
C GLU A 31 -15.19 10.63 11.96
N VAL A 32 -14.24 10.53 11.02
CA VAL A 32 -14.28 11.23 9.75
C VAL A 32 -14.85 10.28 8.73
N THR A 33 -15.91 10.69 8.04
CA THR A 33 -16.61 9.84 7.09
C THR A 33 -16.08 9.98 5.67
N PRO A 34 -16.45 9.07 4.76
CA PRO A 34 -16.03 9.22 3.36
C PRO A 34 -16.46 10.57 2.77
N ALA A 35 -17.71 11.01 3.04
CA ALA A 35 -18.25 12.28 2.55
C ALA A 35 -17.52 13.49 3.12
N ASP A 36 -16.97 13.37 4.34
CA ASP A 36 -16.21 14.45 4.95
C ASP A 36 -14.94 14.72 4.12
N VAL A 37 -14.21 13.66 3.72
CA VAL A 37 -12.97 13.86 2.97
C VAL A 37 -13.19 14.02 1.45
N ALA A 38 -14.29 13.47 0.89
CA ALA A 38 -14.56 13.55 -0.55
C ALA A 38 -14.89 14.95 -1.04
N GLY A 39 -15.71 15.66 -0.27
CA GLY A 39 -16.17 17.01 -0.60
C GLY A 39 -16.89 17.04 -1.93
N ASP A 40 -16.34 17.83 -2.86
CA ASP A 40 -16.83 18.07 -4.21
C ASP A 40 -16.63 16.89 -5.18
N THR A 41 -15.61 16.04 -4.95
CA THR A 41 -15.16 14.92 -5.79
C THR A 41 -16.26 14.02 -6.35
N ALA A 42 -16.21 13.76 -7.67
CA ALA A 42 -17.14 12.86 -8.33
C ALA A 42 -16.79 11.45 -7.85
N LEU A 43 -17.76 10.71 -7.34
CA LEU A 43 -17.54 9.40 -6.74
C LEU A 43 -17.39 8.25 -7.75
N SER A 44 -16.74 7.17 -7.30
CA SER A 44 -16.52 5.98 -8.10
C SER A 44 -17.81 5.17 -8.26
N THR A 45 -17.89 4.38 -9.31
CA THR A 45 -18.99 3.48 -9.57
C THR A 45 -18.42 2.08 -9.47
N ILE A 46 -18.94 1.26 -8.56
CA ILE A 46 -18.45 -0.11 -8.39
C ILE A 46 -19.26 -1.10 -9.20
N SER A 47 -18.57 -1.97 -9.95
CA SER A 47 -19.16 -3.01 -10.77
C SER A 47 -18.70 -4.37 -10.26
N ASP A 48 -19.55 -5.39 -10.38
CA ASP A 48 -19.18 -6.74 -9.94
C ASP A 48 -18.52 -7.58 -11.04
N SER A 49 -18.35 -7.00 -12.23
CA SER A 49 -17.76 -7.70 -13.34
C SER A 49 -16.73 -6.80 -14.05
N ALA A 50 -15.74 -7.44 -14.67
CA ALA A 50 -14.67 -6.77 -15.41
C ALA A 50 -15.24 -6.08 -16.68
N PRO A 51 -14.54 -5.07 -17.23
CA PRO A 51 -15.05 -4.44 -18.46
C PRO A 51 -15.09 -5.43 -19.62
N ALA A 52 -16.13 -5.37 -20.45
CA ALA A 52 -16.26 -6.29 -21.59
C ALA A 52 -15.07 -6.17 -22.55
N ASP A 53 -14.43 -5.00 -22.60
CA ASP A 53 -13.27 -4.81 -23.46
C ASP A 53 -11.96 -5.36 -22.86
N GLU A 54 -12.04 -6.21 -21.82
CA GLU A 54 -10.86 -6.82 -21.23
C GLU A 54 -10.32 -7.86 -22.22
N ALA A 55 -9.09 -7.67 -22.71
CA ALA A 55 -8.51 -8.59 -23.68
C ALA A 55 -8.09 -9.94 -23.05
N SER A 56 -7.25 -9.93 -22.01
CA SER A 56 -6.81 -11.16 -21.36
C SER A 56 -7.07 -11.13 -19.86
N ALA A 57 -7.20 -12.32 -19.25
CA ALA A 57 -7.47 -12.44 -17.83
C ALA A 57 -6.24 -12.12 -17.00
N PRO A 58 -6.41 -11.28 -15.96
CA PRO A 58 -5.27 -10.97 -15.07
C PRO A 58 -4.73 -12.22 -14.40
N ARG A 59 -3.44 -12.24 -14.07
CA ARG A 59 -2.83 -13.41 -13.44
C ARG A 59 -3.46 -13.79 -12.11
N TRP A 60 -3.97 -12.80 -11.38
CA TRP A 60 -4.55 -13.02 -10.06
C TRP A 60 -5.97 -13.59 -10.09
N ARG A 61 -6.66 -13.57 -11.24
CA ARG A 61 -8.04 -14.06 -11.31
C ARG A 61 -8.19 -15.51 -10.86
N ALA A 62 -7.26 -16.41 -11.24
CA ALA A 62 -7.33 -17.82 -10.84
C ALA A 62 -7.23 -17.98 -9.33
N HIS A 63 -6.48 -17.11 -8.65
CA HIS A 63 -6.33 -17.13 -7.20
C HIS A 63 -7.63 -16.71 -6.52
N VAL A 64 -8.33 -15.73 -7.09
CA VAL A 64 -9.62 -15.28 -6.59
C VAL A 64 -10.64 -16.40 -6.74
N ASN A 65 -10.68 -17.01 -7.95
CA ASN A 65 -11.64 -18.07 -8.30
C ASN A 65 -11.49 -19.35 -7.46
N ALA A 66 -10.28 -19.61 -6.96
CA ALA A 66 -10.02 -20.78 -6.12
C ALA A 66 -10.25 -20.52 -4.61
N ALA A 67 -10.39 -19.25 -4.21
CA ALA A 67 -10.59 -18.86 -2.83
C ALA A 67 -12.08 -18.93 -2.44
N ASP A 68 -12.40 -18.85 -1.13
CA ASP A 68 -13.77 -18.86 -0.62
C ASP A 68 -14.66 -17.86 -1.36
N GLU A 69 -15.97 -18.13 -1.40
CA GLU A 69 -16.93 -17.25 -2.07
C GLU A 69 -16.89 -15.81 -1.55
N ARG A 70 -16.42 -15.63 -0.30
CA ARG A 70 -16.29 -14.29 0.29
C ARG A 70 -15.19 -13.46 -0.39
N VAL A 71 -14.32 -14.08 -1.19
CA VAL A 71 -13.29 -13.33 -1.91
C VAL A 71 -13.88 -12.98 -3.26
N LYS A 72 -13.96 -11.69 -3.57
CA LYS A 72 -14.61 -11.21 -4.77
C LYS A 72 -13.76 -10.31 -5.62
N GLU A 73 -14.00 -10.34 -6.92
CA GLU A 73 -13.35 -9.43 -7.84
C GLU A 73 -14.34 -8.29 -8.12
N MET A 74 -13.95 -7.06 -7.80
CA MET A 74 -14.79 -5.89 -8.07
C MET A 74 -14.03 -4.89 -8.92
N TRP A 75 -14.74 -3.99 -9.60
CA TRP A 75 -14.10 -3.00 -10.44
C TRP A 75 -14.63 -1.63 -10.13
N ALA A 76 -13.74 -0.66 -9.87
CA ALA A 76 -14.17 0.68 -9.52
C ALA A 76 -13.75 1.66 -10.58
N TYR A 77 -14.72 2.40 -11.15
CA TYR A 77 -14.41 3.38 -12.16
C TYR A 77 -13.96 4.68 -11.48
N SER A 78 -12.80 5.19 -11.88
CA SER A 78 -12.26 6.43 -11.34
C SER A 78 -12.56 7.56 -12.29
N PRO A 79 -13.42 8.51 -11.92
CA PRO A 79 -13.70 9.64 -12.83
C PRO A 79 -12.48 10.51 -13.15
N SER A 80 -11.61 10.78 -12.15
CA SER A 80 -10.44 11.64 -12.36
C SER A 80 -9.41 11.04 -13.29
N MET A 81 -9.25 9.73 -13.25
CA MET A 81 -8.29 9.05 -14.11
C MET A 81 -8.93 8.53 -15.40
N ASP A 82 -10.28 8.40 -15.44
CA ASP A 82 -11.07 7.78 -16.51
C ASP A 82 -10.56 6.34 -16.66
N ARG A 83 -10.43 5.63 -15.52
CA ARG A 83 -9.83 4.32 -15.49
C ARG A 83 -10.69 3.36 -14.70
N ASN A 84 -10.75 2.11 -15.15
CA ASN A 84 -11.45 1.07 -14.41
C ASN A 84 -10.37 0.38 -13.62
N VAL A 85 -10.45 0.47 -12.30
CA VAL A 85 -9.47 -0.10 -11.40
C VAL A 85 -9.95 -1.42 -10.82
N PRO A 86 -9.20 -2.52 -11.01
CA PRO A 86 -9.59 -3.80 -10.41
C PRO A 86 -9.28 -3.85 -8.92
N LEU A 87 -10.14 -4.51 -8.15
CA LEU A 87 -9.99 -4.61 -6.70
C LEU A 87 -10.21 -6.09 -6.30
N VAL A 88 -9.33 -6.65 -5.45
CA VAL A 88 -9.53 -7.99 -4.92
C VAL A 88 -10.05 -7.73 -3.52
N VAL A 89 -11.30 -8.13 -3.25
CA VAL A 89 -11.94 -7.82 -1.98
C VAL A 89 -12.25 -9.06 -1.14
N ILE A 90 -11.73 -9.11 0.08
CA ILE A 90 -12.06 -10.17 1.03
C ILE A 90 -13.23 -9.61 1.83
N THR A 91 -14.42 -10.18 1.70
CA THR A 91 -15.59 -9.68 2.41
C THR A 91 -15.76 -10.38 3.75
N ALA A 92 -16.28 -9.65 4.74
CA ALA A 92 -16.55 -10.20 6.06
C ALA A 92 -17.82 -11.06 5.97
N ASP A 93 -18.00 -11.97 6.93
CA ASP A 93 -19.23 -12.76 7.02
C ASP A 93 -20.30 -11.93 7.78
N GLU A 94 -21.53 -12.42 7.85
CA GLU A 94 -22.61 -11.69 8.50
C GLU A 94 -22.85 -12.06 9.95
N SER A 95 -22.04 -12.96 10.53
CA SER A 95 -22.20 -13.41 11.93
C SER A 95 -22.13 -12.26 12.95
N ALA A 96 -21.45 -11.16 12.61
CA ALA A 96 -21.36 -10.02 13.52
C ALA A 96 -21.76 -8.69 12.89
N GLY A 97 -22.49 -8.72 11.78
CA GLY A 97 -22.97 -7.52 11.11
C GLY A 97 -21.87 -6.70 10.47
N PRO A 98 -21.99 -5.34 10.48
CA PRO A 98 -20.97 -4.50 9.86
C PRO A 98 -19.58 -4.63 10.47
N ARG A 99 -18.57 -4.80 9.60
CA ARG A 99 -17.18 -4.97 10.03
C ARG A 99 -16.25 -3.93 9.40
N PRO A 100 -15.09 -3.65 10.03
CA PRO A 100 -14.17 -2.64 9.47
C PRO A 100 -13.61 -3.01 8.11
N VAL A 101 -12.93 -2.06 7.46
CA VAL A 101 -12.30 -2.32 6.16
C VAL A 101 -10.82 -1.93 6.23
N ILE A 102 -9.96 -2.75 5.62
CA ILE A 102 -8.55 -2.47 5.54
C ILE A 102 -8.25 -2.27 4.05
N TYR A 103 -7.65 -1.13 3.70
CA TYR A 103 -7.22 -0.86 2.34
C TYR A 103 -5.76 -1.30 2.35
N LEU A 104 -5.44 -2.41 1.67
CA LEU A 104 -4.10 -2.99 1.64
C LEU A 104 -3.45 -2.76 0.30
N LEU A 105 -2.38 -1.99 0.26
CA LEU A 105 -1.72 -1.63 -0.99
C LEU A 105 -0.52 -2.50 -1.34
N ASN A 106 -0.39 -2.82 -2.63
CA ASN A 106 0.76 -3.54 -3.14
C ASN A 106 1.93 -2.55 -3.23
N GLY A 107 3.12 -3.06 -3.47
CA GLY A 107 4.29 -2.22 -3.67
C GLY A 107 4.37 -1.79 -5.12
N GLY A 108 5.59 -1.63 -5.61
CA GLY A 108 5.86 -1.18 -6.98
C GLY A 108 5.13 -1.95 -8.06
N ASP A 109 4.90 -3.23 -7.83
CA ASP A 109 4.17 -4.08 -8.78
C ASP A 109 2.74 -3.57 -9.03
N GLY A 110 2.13 -3.03 -7.99
CA GLY A 110 0.78 -2.49 -8.03
C GLY A 110 -0.31 -3.51 -8.19
N GLY A 111 0.03 -4.79 -8.20
CA GLY A 111 -0.93 -5.86 -8.46
C GLY A 111 -1.06 -6.19 -9.95
N GLU A 112 -0.26 -5.51 -10.78
CA GLU A 112 -0.22 -5.66 -12.22
C GLU A 112 0.75 -6.73 -12.74
N GLY A 113 1.35 -7.50 -11.86
CA GLY A 113 2.30 -8.53 -12.23
C GLY A 113 2.21 -9.70 -11.26
N ALA A 114 3.35 -10.31 -10.96
CA ALA A 114 3.37 -11.45 -10.04
C ALA A 114 3.86 -11.11 -8.64
N ALA A 115 4.55 -9.96 -8.47
CA ALA A 115 5.13 -9.57 -7.18
C ALA A 115 4.15 -8.79 -6.28
N ASN A 116 3.05 -9.44 -5.87
CA ASN A 116 2.01 -8.79 -5.09
C ASN A 116 1.43 -9.65 -3.97
N TRP A 117 0.63 -9.07 -3.08
CA TRP A 117 0.05 -9.78 -1.94
C TRP A 117 -0.66 -11.08 -2.32
N VAL A 118 -1.52 -11.02 -3.35
CA VAL A 118 -2.36 -12.13 -3.80
C VAL A 118 -1.56 -13.29 -4.35
N MET A 119 -0.50 -13.00 -5.09
CA MET A 119 0.30 -14.02 -5.73
C MET A 119 1.50 -14.49 -4.94
N GLN A 120 1.88 -13.78 -3.85
CA GLN A 120 3.07 -14.14 -3.09
C GLN A 120 2.83 -14.49 -1.63
N THR A 121 1.59 -14.27 -1.13
CA THR A 121 1.26 -14.53 0.28
C THR A 121 -0.11 -15.25 0.44
N ASP A 122 -0.44 -15.69 1.66
CA ASP A 122 -1.73 -16.30 1.97
C ASP A 122 -2.75 -15.25 2.45
N VAL A 123 -2.62 -14.01 1.98
CA VAL A 123 -3.46 -12.88 2.37
C VAL A 123 -4.97 -13.21 2.38
N LEU A 124 -5.44 -13.98 1.39
CA LEU A 124 -6.85 -14.32 1.30
C LEU A 124 -7.29 -15.22 2.45
N ASP A 125 -6.60 -16.35 2.67
CA ASP A 125 -6.95 -17.26 3.76
C ASP A 125 -6.83 -16.63 5.14
N PHE A 126 -5.75 -15.88 5.36
CA PHE A 126 -5.50 -15.23 6.63
C PHE A 126 -6.65 -14.31 7.07
N TYR A 127 -7.06 -13.38 6.20
CA TYR A 127 -8.09 -12.39 6.53
C TYR A 127 -9.50 -12.93 6.53
N LEU A 128 -9.74 -14.02 5.76
CA LEU A 128 -11.03 -14.71 5.73
C LEU A 128 -11.39 -15.17 7.15
N GLU A 129 -10.40 -15.72 7.87
CA GLU A 129 -10.58 -16.20 9.23
C GLU A 129 -10.81 -15.06 10.23
N LYS A 130 -10.24 -13.88 9.97
CA LYS A 130 -10.36 -12.72 10.86
C LYS A 130 -11.72 -12.01 10.83
N ASN A 131 -12.54 -12.30 9.81
CA ASN A 131 -13.85 -11.67 9.64
C ASN A 131 -13.71 -10.14 9.55
N VAL A 132 -13.03 -9.68 8.52
CA VAL A 132 -12.84 -8.25 8.28
C VAL A 132 -12.83 -8.02 6.78
N ASN A 133 -13.28 -6.84 6.34
CA ASN A 133 -13.24 -6.51 4.92
C ASN A 133 -11.83 -6.04 4.57
N VAL A 134 -11.27 -6.55 3.46
CA VAL A 134 -9.94 -6.16 2.99
C VAL A 134 -10.04 -5.84 1.53
N VAL A 135 -9.60 -4.66 1.12
CA VAL A 135 -9.68 -4.25 -0.28
C VAL A 135 -8.27 -4.00 -0.81
N ILE A 136 -7.91 -4.77 -1.85
CA ILE A 136 -6.58 -4.72 -2.44
C ILE A 136 -6.67 -4.25 -3.88
N PRO A 137 -6.34 -2.98 -4.16
CA PRO A 137 -6.33 -2.51 -5.54
C PRO A 137 -5.26 -3.26 -6.35
N MET A 138 -5.62 -3.74 -7.56
CA MET A 138 -4.72 -4.51 -8.39
C MET A 138 -4.21 -3.77 -9.63
N GLU A 139 -4.08 -2.46 -9.50
CA GLU A 139 -3.48 -1.57 -10.48
C GLU A 139 -2.80 -0.45 -9.70
N GLY A 140 -1.84 0.22 -10.34
CA GLY A 140 -1.13 1.31 -9.69
C GLY A 140 0.36 1.09 -9.58
N LYS A 141 0.92 0.33 -10.54
CA LYS A 141 2.34 0.01 -10.59
C LYS A 141 3.19 1.28 -10.64
N PHE A 142 4.30 1.30 -9.89
CA PHE A 142 5.28 2.38 -9.84
C PHE A 142 4.64 3.78 -9.67
N SER A 143 3.52 3.88 -8.94
CA SER A 143 2.78 5.15 -8.79
C SER A 143 2.93 5.84 -7.45
N TYR A 144 3.43 5.14 -6.44
CA TYR A 144 3.45 5.62 -5.06
C TYR A 144 2.04 5.88 -4.52
N TYR A 145 0.98 5.47 -5.28
CA TYR A 145 -0.44 5.65 -4.99
C TYR A 145 -0.74 7.07 -4.59
N THR A 146 -0.16 8.02 -5.32
CA THR A 146 -0.31 9.45 -5.08
C THR A 146 -0.96 10.15 -6.31
N ASP A 147 -1.24 11.46 -6.20
CA ASP A 147 -1.76 12.30 -7.26
C ASP A 147 -0.54 12.90 -7.94
N TRP A 148 -0.31 12.56 -9.19
CA TRP A 148 0.87 13.01 -9.93
C TRP A 148 0.69 14.40 -10.50
N VAL A 149 1.75 15.20 -10.49
CA VAL A 149 1.74 16.53 -11.09
C VAL A 149 1.57 16.43 -12.62
N GLU A 150 2.27 15.45 -13.26
CA GLU A 150 2.26 15.26 -14.71
C GLU A 150 1.72 13.90 -15.12
N GLU A 151 1.28 13.78 -16.38
CA GLU A 151 0.84 12.50 -16.91
C GLU A 151 2.08 11.68 -17.34
N ASN A 152 1.90 10.36 -17.47
CA ASN A 152 2.94 9.44 -17.91
C ASN A 152 2.23 8.30 -18.61
N ALA A 153 2.33 8.25 -19.94
CA ALA A 153 1.65 7.26 -20.78
C ALA A 153 2.02 5.84 -20.41
N SER A 154 3.29 5.60 -20.03
CA SER A 154 3.77 4.28 -19.63
C SER A 154 3.04 3.71 -18.40
N LEU A 155 2.44 4.59 -17.58
CA LEU A 155 1.69 4.22 -16.40
C LEU A 155 0.18 4.51 -16.53
N GLY A 156 -0.31 4.65 -17.77
CA GLY A 156 -1.73 4.85 -18.02
C GLY A 156 -2.24 6.27 -18.19
N GLY A 157 -1.33 7.24 -18.18
CA GLY A 157 -1.70 8.63 -18.36
C GLY A 157 -1.81 9.40 -17.07
N LYS A 158 -3.02 9.86 -16.77
CA LYS A 158 -3.28 10.65 -15.58
C LYS A 158 -3.34 9.77 -14.36
N GLN A 159 -2.56 10.11 -13.32
CA GLN A 159 -2.54 9.32 -12.10
C GLN A 159 -3.00 10.14 -10.93
N MET A 160 -4.14 9.74 -10.35
CA MET A 160 -4.78 10.44 -9.25
C MET A 160 -5.21 9.38 -8.24
N TRP A 161 -4.23 8.63 -7.74
CA TRP A 161 -4.47 7.51 -6.84
C TRP A 161 -4.87 7.92 -5.46
N GLU A 162 -4.43 9.10 -5.00
CA GLU A 162 -4.83 9.58 -3.67
C GLU A 162 -6.28 10.04 -3.74
N THR A 163 -6.68 10.74 -4.81
CA THR A 163 -8.06 11.15 -5.04
C THR A 163 -8.94 9.92 -5.16
N PHE A 164 -8.49 8.91 -5.88
CA PHE A 164 -9.24 7.68 -6.02
C PHE A 164 -9.40 6.95 -4.69
N LEU A 165 -8.30 6.61 -4.04
CA LEU A 165 -8.33 5.81 -2.81
C LEU A 165 -8.94 6.50 -1.61
N VAL A 166 -8.79 7.81 -1.51
CA VAL A 166 -9.32 8.55 -0.37
C VAL A 166 -10.70 9.16 -0.64
N LYS A 167 -10.91 9.73 -1.81
CA LYS A 167 -12.14 10.46 -2.10
C LYS A 167 -13.17 9.75 -3.00
N GLU A 168 -12.73 9.10 -4.08
CA GLU A 168 -13.67 8.47 -5.01
C GLU A 168 -14.19 7.12 -4.53
N LEU A 169 -13.31 6.30 -3.98
CA LEU A 169 -13.63 4.92 -3.64
C LEU A 169 -14.32 4.64 -2.28
N PRO A 170 -13.91 5.24 -1.14
CA PRO A 170 -14.49 4.82 0.15
C PRO A 170 -16.01 4.90 0.28
N GLY A 171 -16.63 6.00 -0.14
CA GLY A 171 -18.08 6.18 -0.06
C GLY A 171 -18.88 5.05 -0.66
N PRO A 172 -18.79 4.88 -1.98
CA PRO A 172 -19.55 3.81 -2.64
C PRO A 172 -19.12 2.38 -2.27
N LEU A 173 -17.82 2.14 -2.06
CA LEU A 173 -17.34 0.80 -1.74
C LEU A 173 -17.72 0.38 -0.33
N GLU A 174 -17.53 1.25 0.66
CA GLU A 174 -17.90 0.92 2.04
C GLU A 174 -19.41 0.73 2.21
N GLU A 175 -20.21 1.41 1.38
CA GLU A 175 -21.65 1.25 1.37
C GLU A 175 -21.99 -0.14 0.84
N LYS A 176 -21.36 -0.55 -0.27
CA LYS A 176 -21.56 -1.86 -0.89
C LYS A 176 -21.12 -2.99 0.05
N LEU A 177 -20.04 -2.77 0.82
CA LEU A 177 -19.55 -3.78 1.75
C LEU A 177 -20.25 -3.76 3.11
N ASN A 178 -21.06 -2.73 3.38
CA ASN A 178 -21.79 -2.58 4.65
C ASN A 178 -20.80 -2.53 5.81
N THR A 179 -19.77 -1.69 5.69
CA THR A 179 -18.76 -1.58 6.75
C THR A 179 -19.31 -0.89 7.98
N ASP A 180 -18.65 -1.08 9.13
CA ASP A 180 -19.08 -0.46 10.37
C ASP A 180 -18.59 1.00 10.52
N GLY A 181 -18.00 1.57 9.47
CA GLY A 181 -17.49 2.92 9.52
C GLY A 181 -16.05 3.03 9.99
N GLN A 182 -15.42 1.90 10.34
CA GLN A 182 -14.01 1.90 10.73
C GLN A 182 -13.15 1.51 9.54
N ARG A 183 -11.93 2.06 9.48
CA ARG A 183 -11.04 1.77 8.37
C ARG A 183 -9.58 1.92 8.72
N ALA A 184 -8.72 1.23 7.96
CA ALA A 184 -7.26 1.29 8.11
C ALA A 184 -6.60 1.27 6.74
N ILE A 185 -5.38 1.80 6.65
CA ILE A 185 -4.59 1.82 5.42
C ILE A 185 -3.28 1.06 5.71
N ALA A 186 -2.87 0.19 4.79
CA ALA A 186 -1.62 -0.55 4.94
C ALA A 186 -0.91 -0.57 3.60
N GLY A 187 0.41 -0.52 3.62
CA GLY A 187 1.19 -0.53 2.39
C GLY A 187 2.56 -1.14 2.60
N MET A 188 3.18 -1.63 1.51
CA MET A 188 4.51 -2.20 1.61
C MET A 188 5.45 -1.59 0.60
N SER A 189 6.71 -1.44 0.98
CA SER A 189 7.72 -0.92 0.08
C SER A 189 7.38 0.49 -0.42
N MET A 190 7.07 0.71 -1.72
CA MET A 190 6.71 2.04 -2.19
C MET A 190 5.44 2.57 -1.50
N SER A 191 4.43 1.71 -1.29
CA SER A 191 3.20 2.14 -0.63
C SER A 191 3.30 2.17 0.90
N ALA A 192 4.47 1.87 1.48
CA ALA A 192 4.70 2.05 2.91
C ALA A 192 4.99 3.54 3.19
N THR A 193 5.18 4.38 2.14
CA THR A 193 5.27 5.84 2.19
C THR A 193 3.81 6.34 2.14
N THR A 194 3.00 5.79 1.22
CA THR A 194 1.59 6.11 1.04
C THR A 194 0.79 5.90 2.31
N SER A 195 0.96 4.76 3.01
CA SER A 195 0.20 4.46 4.22
C SER A 195 0.51 5.38 5.39
N LEU A 196 1.61 6.14 5.32
CA LEU A 196 1.93 7.15 6.32
C LEU A 196 1.41 8.51 5.83
N LEU A 197 1.47 8.81 4.53
CA LEU A 197 1.03 10.08 3.97
C LEU A 197 -0.46 10.27 4.02
N PHE A 198 -1.25 9.23 3.70
CA PHE A 198 -2.72 9.32 3.72
C PHE A 198 -3.26 9.78 5.09
N PRO A 199 -2.92 9.14 6.23
CA PRO A 199 -3.45 9.64 7.52
C PRO A 199 -2.96 11.03 7.93
N GLN A 200 -1.81 11.45 7.40
CA GLN A 200 -1.29 12.79 7.68
C GLN A 200 -2.07 13.83 6.86
N HIS A 201 -2.43 13.48 5.62
CA HIS A 201 -3.17 14.37 4.72
C HIS A 201 -4.65 14.49 5.15
N PHE A 202 -5.21 13.42 5.74
CA PHE A 202 -6.60 13.39 6.16
C PHE A 202 -6.70 12.89 7.58
N PRO A 203 -6.28 13.72 8.55
CA PRO A 203 -6.29 13.27 9.95
C PRO A 203 -7.66 12.80 10.43
N GLY A 204 -7.68 11.67 11.13
CA GLY A 204 -8.92 11.10 11.64
C GLY A 204 -9.69 10.21 10.69
N PHE A 205 -9.33 10.19 9.38
CA PHE A 205 -10.04 9.34 8.40
C PHE A 205 -9.75 7.86 8.63
N TYR A 206 -8.50 7.54 8.97
CA TYR A 206 -8.08 6.16 9.22
C TYR A 206 -7.89 5.92 10.70
N ASP A 207 -8.46 4.83 11.19
CA ASP A 207 -8.29 4.42 12.58
C ASP A 207 -6.88 3.91 12.83
N ALA A 208 -6.30 3.24 11.84
CA ALA A 208 -4.97 2.66 11.91
C ALA A 208 -4.22 2.79 10.59
N ALA A 209 -2.90 2.77 10.65
CA ALA A 209 -2.05 2.82 9.47
C ALA A 209 -0.88 1.89 9.68
N ALA A 210 -0.58 1.03 8.71
CA ALA A 210 0.54 0.10 8.76
C ALA A 210 1.51 0.39 7.62
N SER A 211 2.79 0.57 7.92
CA SER A 211 3.83 0.89 6.95
C SER A 211 4.83 -0.27 6.98
N PHE A 212 4.75 -1.16 6.00
CA PHE A 212 5.58 -2.37 5.92
C PHE A 212 6.85 -2.18 5.10
N SER A 213 7.95 -1.84 5.75
CA SER A 213 9.27 -1.68 5.12
C SER A 213 9.35 -0.62 4.01
N GLY A 214 9.38 0.64 4.39
CA GLY A 214 9.49 1.72 3.42
C GLY A 214 10.34 2.86 3.90
N CYS A 215 10.23 4.00 3.23
CA CYS A 215 10.96 5.20 3.63
C CYS A 215 9.96 6.34 3.73
N ALA A 216 9.74 6.86 4.95
CA ALA A 216 8.81 7.94 5.19
C ALA A 216 9.33 9.22 4.54
N ALA A 217 10.63 9.50 4.67
CA ALA A 217 11.24 10.67 4.06
C ALA A 217 11.24 10.52 2.55
N THR A 218 11.00 11.61 1.82
CA THR A 218 10.95 11.62 0.37
C THR A 218 11.61 12.84 -0.24
N SER A 219 11.88 13.89 0.55
CA SER A 219 12.45 15.14 0.03
C SER A 219 13.92 15.34 0.30
N SER A 220 14.48 14.56 1.22
CA SER A 220 15.90 14.61 1.55
C SER A 220 16.71 13.99 0.38
N LEU A 221 18.01 14.22 0.36
CA LEU A 221 18.91 13.79 -0.72
C LEU A 221 18.81 12.30 -1.04
N LEU A 222 19.10 11.43 -0.07
CA LEU A 222 19.02 10.00 -0.28
C LEU A 222 17.59 9.54 -0.51
N PRO A 223 16.59 9.89 0.35
CA PRO A 223 15.21 9.46 0.08
C PRO A 223 14.63 9.83 -1.28
N TRP A 224 15.04 10.96 -1.86
CA TRP A 224 14.58 11.34 -3.19
C TRP A 224 15.15 10.37 -4.24
N GLU A 225 16.39 9.93 -4.05
CA GLU A 225 17.03 8.98 -4.94
C GLU A 225 16.38 7.60 -4.85
N TYR A 226 15.81 7.23 -3.69
CA TYR A 226 15.09 5.97 -3.54
C TYR A 226 13.78 5.98 -4.34
N LEU A 227 13.18 7.17 -4.55
CA LEU A 227 11.98 7.30 -5.38
C LEU A 227 12.34 6.86 -6.82
N LYS A 228 13.54 7.23 -7.30
CA LYS A 228 14.07 6.85 -8.60
C LYS A 228 14.21 5.32 -8.78
N LEU A 229 14.53 4.53 -7.74
CA LEU A 229 14.61 3.06 -7.88
C LEU A 229 13.24 2.49 -8.37
N THR A 230 12.15 2.98 -7.77
CA THR A 230 10.82 2.53 -8.11
C THR A 230 10.33 3.13 -9.42
N LEU A 231 10.47 4.45 -9.57
CA LEU A 231 9.96 5.16 -10.73
C LEU A 231 10.68 4.87 -12.03
N ASP A 232 11.99 4.57 -11.99
CA ASP A 232 12.75 4.24 -13.19
C ASP A 232 12.17 3.02 -13.90
N ARG A 233 11.63 2.06 -13.13
CA ARG A 233 10.99 0.85 -13.67
C ARG A 233 9.70 1.14 -14.46
N GLY A 234 9.06 2.26 -14.18
CA GLY A 234 7.85 2.66 -14.88
C GLY A 234 8.09 3.80 -15.86
N ASN A 235 9.36 3.98 -16.28
CA ASN A 235 9.82 5.01 -17.23
C ASN A 235 9.40 6.39 -16.78
N ALA A 236 9.56 6.66 -15.49
CA ALA A 236 9.12 7.90 -14.87
C ALA A 236 10.21 8.54 -14.00
N THR A 237 10.04 9.82 -13.67
CA THR A 237 10.94 10.53 -12.79
C THR A 237 10.12 11.06 -11.60
N PRO A 238 10.77 11.27 -10.43
CA PRO A 238 10.03 11.80 -9.27
C PRO A 238 9.51 13.23 -9.48
N GLU A 239 10.11 14.00 -10.39
CA GLU A 239 9.67 15.35 -10.72
C GLU A 239 8.29 15.31 -11.43
N GLN A 240 8.02 14.26 -12.23
CA GLN A 240 6.71 14.07 -12.86
C GLN A 240 5.63 13.81 -11.82
N MET A 241 5.99 13.12 -10.74
CA MET A 241 5.12 12.73 -9.66
C MET A 241 4.85 13.86 -8.66
N TRP A 242 5.89 14.44 -8.03
CA TRP A 242 5.74 15.44 -6.98
C TRP A 242 6.42 16.79 -7.19
N GLY A 243 6.85 17.06 -8.41
CA GLY A 243 7.50 18.32 -8.72
C GLY A 243 8.95 18.38 -8.31
N PRO A 244 9.51 19.59 -8.24
CA PRO A 244 10.93 19.72 -7.89
C PRO A 244 11.24 19.26 -6.47
N ARG A 245 12.41 18.62 -6.27
CA ARG A 245 12.81 18.16 -4.95
C ARG A 245 12.89 19.33 -3.96
N GLY A 246 12.28 19.16 -2.79
CA GLY A 246 12.23 20.23 -1.80
C GLY A 246 11.09 21.21 -2.01
N GLY A 247 10.41 21.16 -3.15
CA GLY A 247 9.29 22.01 -3.46
C GLY A 247 8.10 21.74 -2.56
N GLU A 248 7.13 22.65 -2.57
CA GLU A 248 5.93 22.61 -1.76
C GLU A 248 5.21 21.25 -1.74
N TYR A 249 4.96 20.71 -2.93
CA TYR A 249 4.23 19.45 -3.06
C TYR A 249 5.06 18.25 -2.61
N ASN A 250 6.39 18.31 -2.80
CA ASN A 250 7.28 17.23 -2.35
C ASN A 250 7.29 17.20 -0.82
N ILE A 251 7.39 18.36 -0.16
CA ILE A 251 7.38 18.42 1.31
C ILE A 251 6.06 17.92 1.87
N TYR A 252 4.94 18.31 1.25
CA TYR A 252 3.60 17.83 1.61
C TYR A 252 3.54 16.28 1.60
N ASN A 253 4.30 15.68 0.67
CA ASN A 253 4.42 14.25 0.49
C ASN A 253 5.71 13.68 1.10
N ASP A 254 6.18 14.26 2.18
CA ASP A 254 7.34 13.75 2.92
C ASP A 254 6.78 13.35 4.27
N ALA A 255 6.66 12.05 4.51
CA ALA A 255 6.04 11.55 5.74
C ALA A 255 6.93 11.63 6.98
N LEU A 256 8.23 11.93 6.81
CA LEU A 256 9.11 12.11 7.97
C LEU A 256 8.93 13.53 8.48
N ILE A 257 9.03 14.54 7.58
CA ILE A 257 8.83 15.94 7.94
C ILE A 257 7.47 16.16 8.64
N ASN A 258 6.42 15.57 8.10
CA ASN A 258 5.07 15.72 8.64
C ASN A 258 4.62 14.60 9.59
N SER A 259 5.56 13.89 10.19
CA SER A 259 5.28 12.76 11.09
C SER A 259 4.36 13.09 12.24
N ASP A 260 4.45 14.32 12.76
CA ASP A 260 3.63 14.72 13.91
C ASP A 260 2.14 14.65 13.60
N LYS A 261 1.75 14.82 12.32
CA LYS A 261 0.34 14.73 11.88
C LYS A 261 -0.28 13.33 12.01
N LEU A 262 0.53 12.32 12.30
CA LEU A 262 0.06 10.97 12.53
C LEU A 262 -0.64 10.83 13.88
N ARG A 263 -0.33 11.72 14.87
CA ARG A 263 -0.94 11.72 16.21
C ARG A 263 -2.45 11.45 16.18
N GLY A 264 -2.87 10.43 16.90
CA GLY A 264 -4.27 10.02 16.92
C GLY A 264 -4.54 8.74 16.15
N THR A 265 -3.62 8.35 15.27
CA THR A 265 -3.76 7.13 14.47
C THR A 265 -3.01 5.99 15.16
N GLU A 266 -3.59 4.78 15.18
CA GLU A 266 -2.88 3.63 15.71
C GLU A 266 -1.88 3.25 14.62
N LEU A 267 -0.60 3.04 14.98
CA LEU A 267 0.42 2.77 13.96
C LEU A 267 1.14 1.45 14.12
N TYR A 268 1.52 0.86 12.99
CA TYR A 268 2.36 -0.33 12.93
C TYR A 268 3.43 -0.02 11.89
N VAL A 269 4.70 0.01 12.29
CA VAL A 269 5.79 0.25 11.38
C VAL A 269 6.76 -0.92 11.48
N SER A 270 7.14 -1.53 10.33
CA SER A 270 7.99 -2.70 10.34
C SER A 270 9.17 -2.63 9.32
N ASN A 271 9.95 -3.74 9.28
CA ASN A 271 11.14 -4.02 8.48
C ASN A 271 11.02 -5.36 7.77
N ALA A 272 11.20 -5.39 6.45
CA ALA A 272 11.18 -6.65 5.71
C ALA A 272 12.58 -6.88 5.14
N SER A 273 13.63 -6.70 5.99
CA SER A 273 15.04 -6.87 5.64
C SER A 273 15.26 -8.25 5.08
N GLY A 274 15.70 -8.34 3.84
CA GLY A 274 15.94 -9.61 3.19
C GLY A 274 16.95 -9.50 2.09
N LEU A 275 17.49 -10.63 1.63
CA LEU A 275 18.47 -10.64 0.54
C LEU A 275 17.70 -10.63 -0.78
N ALA A 276 16.74 -11.56 -0.96
CA ALA A 276 15.89 -11.61 -2.14
C ALA A 276 14.70 -10.74 -1.81
N GLY A 277 14.51 -9.69 -2.56
CA GLY A 277 13.47 -8.71 -2.28
C GLY A 277 12.11 -8.90 -2.88
N GLU A 278 11.47 -7.76 -3.19
CA GLU A 278 10.12 -7.62 -3.72
C GLU A 278 9.93 -8.35 -5.05
N TRP A 279 10.98 -8.42 -5.86
CA TRP A 279 10.99 -9.07 -7.17
C TRP A 279 10.99 -10.59 -7.09
N GLU A 280 11.46 -11.17 -5.97
CA GLU A 280 11.63 -12.60 -5.78
C GLU A 280 10.62 -13.32 -4.87
N SER A 281 10.07 -14.42 -5.39
CA SER A 281 9.12 -15.29 -4.70
C SER A 281 9.80 -16.25 -3.74
N VAL A 282 9.13 -16.54 -2.61
CA VAL A 282 9.67 -17.45 -1.62
C VAL A 282 9.55 -18.91 -2.07
N LEU A 290 21.07 -23.07 -14.56
CA LEU A 290 22.23 -22.71 -15.36
C LEU A 290 23.58 -22.92 -14.60
N ASN A 291 24.74 -22.67 -15.26
CA ASN A 291 26.10 -22.82 -14.75
C ASN A 291 26.26 -22.30 -13.34
N GLN A 292 27.06 -23.01 -12.52
CA GLN A 292 27.33 -22.64 -11.13
C GLN A 292 28.09 -21.31 -10.98
N GLN A 293 28.71 -20.81 -12.08
CA GLN A 293 29.42 -19.53 -12.14
C GLN A 293 28.40 -18.39 -12.23
N VAL A 294 27.34 -18.57 -13.05
CA VAL A 294 26.30 -17.54 -13.17
C VAL A 294 25.28 -17.64 -12.04
N GLN A 295 25.09 -18.84 -11.45
CA GLN A 295 24.21 -19.02 -10.30
C GLN A 295 24.80 -18.36 -9.05
N SER A 296 26.14 -18.31 -8.94
CA SER A 296 26.82 -17.68 -7.82
C SER A 296 26.97 -16.18 -8.07
N ILE A 297 27.15 -15.75 -9.34
CA ILE A 297 27.23 -14.31 -9.68
C ILE A 297 25.89 -13.63 -9.39
N ALA A 298 24.77 -14.21 -9.85
CA ALA A 298 23.44 -13.64 -9.61
C ALA A 298 23.08 -13.61 -8.14
N MET A 299 23.50 -14.62 -7.38
CA MET A 299 23.27 -14.75 -5.94
C MET A 299 24.08 -13.73 -5.17
N ALA A 300 25.26 -13.38 -5.64
CA ALA A 300 26.11 -12.35 -5.04
C ALA A 300 25.47 -10.98 -5.17
N GLU A 301 24.73 -10.74 -6.28
CA GLU A 301 24.03 -9.50 -6.54
C GLU A 301 22.87 -9.34 -5.63
N THR A 302 22.09 -10.40 -5.34
CA THR A 302 20.93 -10.23 -4.47
C THR A 302 21.38 -9.92 -3.05
N VAL A 303 22.48 -10.53 -2.58
CA VAL A 303 23.01 -10.24 -1.24
C VAL A 303 23.42 -8.77 -1.14
N VAL A 304 24.04 -8.22 -2.19
CA VAL A 304 24.46 -6.82 -2.28
C VAL A 304 23.28 -5.85 -2.39
N THR A 305 22.36 -6.02 -3.38
CA THR A 305 21.18 -5.16 -3.57
C THR A 305 20.18 -5.20 -2.40
N GLY A 306 19.93 -6.40 -1.89
CA GLY A 306 19.05 -6.58 -0.74
C GLY A 306 19.64 -5.91 0.47
N GLY A 307 20.96 -5.95 0.58
CA GLY A 307 21.75 -5.32 1.61
C GLY A 307 21.69 -3.82 1.52
N ILE A 308 21.80 -3.23 0.32
CA ILE A 308 21.66 -1.78 0.13
C ILE A 308 20.21 -1.35 0.42
N ILE A 309 19.23 -2.14 -0.01
CA ILE A 309 17.82 -1.83 0.23
C ILE A 309 17.51 -1.87 1.71
N GLU A 310 18.01 -2.91 2.40
CA GLU A 310 17.82 -3.07 3.83
C GLU A 310 18.43 -1.90 4.58
N ALA A 311 19.68 -1.54 4.29
CA ALA A 311 20.37 -0.43 4.92
C ALA A 311 19.62 0.91 4.76
N ALA A 312 19.11 1.18 3.55
CA ALA A 312 18.34 2.39 3.22
C ALA A 312 17.04 2.49 4.04
N THR A 313 16.27 1.39 4.12
CA THR A 313 15.01 1.30 4.85
C THR A 313 15.26 1.36 6.36
N ASN A 314 16.35 0.74 6.83
CA ASN A 314 16.70 0.74 8.25
C ASN A 314 16.92 2.12 8.78
N LYS A 315 17.57 3.00 8.00
CA LYS A 315 17.82 4.37 8.46
C LYS A 315 16.55 5.16 8.41
N CYS A 316 15.75 5.00 7.34
CA CYS A 316 14.47 5.69 7.19
C CYS A 316 13.55 5.42 8.35
N THR A 317 13.50 4.15 8.77
CA THR A 317 12.68 3.69 9.88
C THR A 317 13.23 4.19 11.20
N HIS A 318 14.55 4.22 11.35
CA HIS A 318 15.18 4.74 12.56
C HIS A 318 14.87 6.22 12.71
N ASP A 319 14.94 6.99 11.62
CA ASP A 319 14.64 8.43 11.67
C ASP A 319 13.19 8.69 12.04
N LEU A 320 12.27 7.86 11.54
CA LEU A 320 10.85 8.02 11.82
C LEU A 320 10.58 7.70 13.28
N LYS A 321 11.18 6.62 13.80
CA LYS A 321 11.00 6.22 15.19
C LYS A 321 11.53 7.26 16.13
N ALA A 322 12.71 7.82 15.85
CA ALA A 322 13.29 8.87 16.69
C ALA A 322 12.39 10.09 16.73
N LYS A 323 11.83 10.48 15.57
CA LYS A 323 10.93 11.63 15.42
C LYS A 323 9.57 11.42 16.10
N LEU A 324 9.00 10.21 15.99
CA LEU A 324 7.73 9.90 16.64
C LEU A 324 7.94 9.74 18.15
N ASP A 325 9.06 9.16 18.58
CA ASP A 325 9.36 8.96 19.99
C ASP A 325 9.56 10.31 20.67
N SER A 326 10.28 11.23 20.01
CA SER A 326 10.51 12.58 20.54
C SER A 326 9.21 13.37 20.67
N ALA A 327 8.23 13.10 19.80
CA ALA A 327 6.91 13.74 19.83
C ALA A 327 5.88 13.03 20.73
N GLY A 328 6.24 11.89 21.31
CA GLY A 328 5.33 11.13 22.16
C GLY A 328 4.21 10.45 21.41
N ILE A 329 4.46 10.05 20.15
CA ILE A 329 3.47 9.38 19.31
C ILE A 329 3.80 7.90 19.28
N PRO A 330 2.93 7.05 19.85
CA PRO A 330 3.23 5.62 19.90
C PRO A 330 2.87 4.83 18.65
N ALA A 331 3.70 3.82 18.37
CA ALA A 331 3.51 2.89 17.26
C ALA A 331 3.95 1.50 17.69
N ASP A 332 3.43 0.48 17.02
CA ASP A 332 3.86 -0.88 17.23
C ASP A 332 5.03 -1.07 16.26
N TRP A 333 6.20 -1.42 16.78
CA TRP A 333 7.41 -1.57 15.98
C TRP A 333 7.82 -3.01 15.75
N ASN A 334 7.98 -3.41 14.48
CA ASN A 334 8.40 -4.76 14.18
C ASN A 334 9.66 -4.68 13.38
N LEU A 335 10.72 -4.27 14.03
CA LEU A 335 12.03 -4.14 13.42
C LEU A 335 12.61 -5.53 13.46
N ARG A 336 12.91 -6.08 12.29
CA ARG A 336 13.33 -7.47 12.14
C ARG A 336 14.71 -7.64 11.55
N PRO A 337 15.38 -8.78 11.80
CA PRO A 337 16.72 -8.97 11.25
C PRO A 337 16.69 -9.32 9.75
N THR A 338 17.89 -9.50 9.13
CA THR A 338 17.94 -9.89 7.73
C THR A 338 17.40 -11.30 7.58
N GLY A 339 16.34 -11.42 6.82
CA GLY A 339 15.72 -12.70 6.48
C GLY A 339 16.18 -13.14 5.10
N THR A 340 15.83 -14.36 4.75
CA THR A 340 16.23 -14.92 3.46
C THR A 340 15.47 -14.23 2.31
N HIS A 341 14.17 -13.96 2.53
CA HIS A 341 13.31 -13.31 1.54
C HIS A 341 12.50 -12.23 2.18
N SER A 342 12.29 -11.13 1.47
CA SER A 342 11.46 -10.04 1.92
C SER A 342 9.99 -10.44 1.98
N TRP A 343 9.50 -11.26 1.04
CA TRP A 343 8.09 -11.70 1.05
C TRP A 343 7.71 -12.55 2.23
N GLY A 344 8.68 -13.23 2.84
CA GLY A 344 8.45 -14.01 4.04
C GLY A 344 8.11 -13.09 5.20
N TRP A 345 8.81 -11.96 5.27
CA TRP A 345 8.58 -10.95 6.27
C TRP A 345 7.27 -10.24 6.00
N TRP A 346 6.95 -9.94 4.75
CA TRP A 346 5.71 -9.24 4.42
C TRP A 346 4.49 -10.07 4.75
N GLN A 347 4.56 -11.40 4.59
CA GLN A 347 3.43 -12.25 4.98
C GLN A 347 3.25 -12.22 6.51
N ASP A 348 4.37 -12.22 7.24
CA ASP A 348 4.46 -12.12 8.70
C ASP A 348 3.93 -10.75 9.18
N ASP A 349 4.05 -9.69 8.35
CA ASP A 349 3.54 -8.33 8.60
C ASP A 349 2.04 -8.30 8.66
N LEU A 350 1.35 -9.20 7.93
CA LEU A 350 -0.09 -9.30 8.02
C LEU A 350 -0.48 -9.77 9.43
N ARG A 351 0.31 -10.68 10.02
CA ARG A 351 0.10 -11.17 11.38
C ARG A 351 0.44 -10.07 12.38
N GLY A 352 1.64 -9.48 12.25
CA GLY A 352 2.12 -8.43 13.15
C GLY A 352 1.19 -7.24 13.23
N SER A 353 0.73 -6.76 12.07
CA SER A 353 -0.19 -5.62 12.02
C SER A 353 -1.58 -5.94 12.54
N TRP A 354 -1.92 -7.23 12.72
CA TRP A 354 -3.23 -7.58 13.24
C TRP A 354 -3.42 -7.11 14.67
N THR A 355 -2.36 -7.09 15.47
CA THR A 355 -2.47 -6.60 16.84
C THR A 355 -2.83 -5.10 16.83
N THR A 356 -2.27 -4.32 15.90
CA THR A 356 -2.59 -2.90 15.77
C THR A 356 -4.04 -2.73 15.31
N PHE A 357 -4.45 -3.50 14.28
CA PHE A 357 -5.80 -3.43 13.73
C PHE A 357 -6.87 -3.90 14.69
N ALA A 358 -6.68 -5.03 15.39
CA ALA A 358 -7.64 -5.50 16.37
C ALA A 358 -7.85 -4.45 17.49
N ARG A 359 -6.77 -3.77 17.91
CA ARG A 359 -6.84 -2.73 18.94
C ARG A 359 -7.56 -1.47 18.42
N ALA A 360 -7.20 -1.01 17.21
CA ALA A 360 -7.82 0.19 16.65
C ALA A 360 -9.31 -0.01 16.35
N PHE A 361 -9.68 -1.23 15.96
CA PHE A 361 -11.05 -1.57 15.60
C PHE A 361 -11.89 -2.10 16.75
N GLU A 362 -11.27 -2.33 17.93
CA GLU A 362 -11.95 -2.87 19.10
C GLU A 362 -12.59 -4.23 18.79
N LEU A 363 -11.84 -5.12 18.14
CA LEU A 363 -12.36 -6.45 17.80
C LEU A 363 -11.96 -7.49 18.87
C1 GLC B . 19.27 4.34 -8.55
C2 GLC B . 18.88 5.51 -9.45
C3 GLC B . 19.87 6.64 -9.28
C4 GLC B . 20.05 7.02 -7.81
C5 GLC B . 20.41 5.79 -6.94
C6 GLC B . 20.41 6.09 -5.45
O2 GLC B . 18.75 5.05 -10.80
O3 GLC B . 19.42 7.77 -10.04
O4 GLC B . 21.09 7.98 -7.68
O5 GLC B . 19.40 4.77 -7.17
O6 GLC B . 20.63 4.94 -4.64
C1 GLC B . 21.17 2.65 -8.62
C2 GLC B . 22.66 2.64 -8.97
C3 GLC B . 22.87 2.24 -10.43
C4 GLC B . 22.14 0.94 -10.76
C5 GLC B . 20.64 1.02 -10.38
C6 GLC B . 19.88 -0.28 -10.53
O1 GLC B . 20.51 3.75 -9.16
O2 GLC B . 23.27 3.89 -8.66
O3 GLC B . 24.27 2.12 -10.67
O4 GLC B . 22.25 0.69 -12.16
O5 GLC B . 20.53 1.41 -8.98
O6 GLC B . 20.29 -1.29 -9.59
C3 VBL C . 11.73 -1.01 -1.97
C4 VBL C . 11.95 -1.68 -3.40
C5 VBL C . 13.37 -1.45 -3.91
C6 VBL C . 13.48 -1.08 -5.40
C7 VBL C . 13.23 -2.27 -6.36
C8 VBL C . 12.55 -1.84 -7.67
C9 VBL C . 11.04 -1.64 -7.53
C1 VBL C . 11.89 1.01 -0.39
C2 VBL C . 11.80 0.55 -1.87
C10 VBL C . 10.47 -1.54 -1.22
C12 VBL C . 14.96 2.00 -0.28
C11 VBL C . 13.80 2.32 0.65
C VBL C . 12.50 2.40 -0.16
O VBL C . 11.83 -3.08 -3.24
O1 VBL C . 10.95 -1.96 0.05
S SO4 D . 19.08 17.72 1.97
O1 SO4 D . 19.60 16.39 2.31
O2 SO4 D . 17.64 17.64 1.67
O3 SO4 D . 19.24 18.56 3.17
O4 SO4 D . 19.80 18.34 0.84
CL CL E . -1.37 -17.66 11.12
CL CL F . -21.97 -5.29 -12.95
CL CL G . 4.07 10.34 -21.57
CL CL H . -9.95 0.83 -18.64
#